data_4DG8
#
_entry.id   4DG8
#
_cell.length_a   92.565
_cell.length_b   92.565
_cell.length_c   164.391
_cell.angle_alpha   90.00
_cell.angle_beta   90.00
_cell.angle_gamma   90.00
#
_symmetry.space_group_name_H-M   'P 43 21 2'
#
loop_
_entity.id
_entity.type
_entity.pdbx_description
1 polymer PA1221
2 non-polymer 'ADENOSINE MONOPHOSPHATE'
3 non-polymer (R,R)-2,3-BUTANEDIOL
4 water water
#
_entity_poly.entity_id   1
_entity_poly.type   'polypeptide(L)'
_entity_poly.pdbx_seq_one_letter_code
;GHMDSFFRKKAIVRMSQNSLLDLYAHPTVVARFSEMAALHPHREAIRDRFGSVDYRQLLDSAEQLSDYLLEHYPQPGVCL
GVYGEYSRESITCLLAILLSGHHYLYIDLKQPAAWNAELCRQVDCRLILDCSTTPTPANGLPCVPVRHLPAAPASVARPC
FAADQIAYINFSSGTTGRPKAIACTHAGITRLCLGQSFLAFAPQMRFLVNSPLSFDAATLEIWGALLNGGCCVLNDLGPL
DPGVLRQLIGERGADSAWLTASLFNTLVDLDPDCLGGLRQLLTGGDILSVPHVRRALLRHPRLHLVNGYGPTENTTFTCC
HVVTDDDLEEDDIPIGKAIAGTAVLLLDEHGQEIAEPDRAGEIVAFGAGLAQGYRNDAARTRASFVELPYRGRLLRAYRT
GDRARYDEQGRLRFIGRGDGQVKLNGYRLDLPALEQRFRRQPGILDCALLVRERNGVKQLLCAWTGKADASPQALLRQLP
TWQRPHACVRVEALPLTAHGKLDRAALLRRLEEPLERCASALDPDQRGCAQLWSELLGCEVGAADQDFFLCGGNSLLALQ
LVALCQSAGAGANLGLADLQANSRLDQFSRLLRSHGLAPERLLERAATPEQPLVLSRSAA
;
_entity_poly.pdbx_strand_id   A
#
# COMPACT_ATOMS: atom_id res chain seq x y z
N GLN A 17 24.61 -0.85 -10.08
CA GLN A 17 24.26 -2.02 -9.29
C GLN A 17 22.86 -2.57 -9.65
N ASN A 18 22.81 -3.73 -10.32
CA ASN A 18 23.96 -4.62 -10.46
C ASN A 18 24.48 -4.97 -9.07
N SER A 19 23.72 -5.81 -8.38
CA SER A 19 23.96 -6.20 -6.98
C SER A 19 23.24 -5.33 -5.97
N LEU A 20 22.70 -4.18 -6.38
CA LEU A 20 21.71 -3.57 -5.52
C LEU A 20 20.48 -4.46 -5.64
N LEU A 21 20.49 -5.30 -6.68
CA LEU A 21 19.36 -6.18 -6.94
C LEU A 21 19.35 -7.37 -5.98
N ASP A 22 20.45 -7.54 -5.27
CA ASP A 22 20.61 -8.59 -4.28
C ASP A 22 20.00 -8.13 -2.96
N LEU A 23 19.11 -8.95 -2.39
CA LEU A 23 18.52 -8.63 -1.09
C LEU A 23 19.57 -8.37 -0.01
N TYR A 24 20.64 -9.17 -0.01
CA TYR A 24 21.67 -9.06 1.03
C TYR A 24 22.55 -7.82 0.88
N ALA A 25 22.31 -7.05 -0.18
CA ALA A 25 23.04 -5.79 -0.36
C ALA A 25 22.34 -4.67 0.39
N HIS A 26 21.26 -5.02 1.07
CA HIS A 26 20.47 -4.03 1.79
C HIS A 26 20.44 -4.35 3.27
N PRO A 27 20.43 -3.32 4.13
CA PRO A 27 20.46 -3.61 5.57
C PRO A 27 19.08 -4.01 6.06
N THR A 28 18.99 -4.67 7.20
CA THR A 28 17.67 -4.90 7.80
C THR A 28 17.08 -3.54 8.22
N VAL A 29 15.76 -3.49 8.40
CA VAL A 29 15.14 -2.25 8.87
C VAL A 29 15.68 -1.85 10.25
N VAL A 30 15.95 -2.85 11.09
CA VAL A 30 16.34 -2.56 12.46
C VAL A 30 17.79 -2.09 12.53
N ALA A 31 18.66 -2.62 11.68
CA ALA A 31 20.03 -2.11 11.63
C ALA A 31 20.06 -0.63 11.17
N ARG A 32 19.31 -0.30 10.11
CA ARG A 32 19.31 1.06 9.62
C ARG A 32 18.67 2.01 10.62
N PHE A 33 17.53 1.61 11.18
CA PHE A 33 16.92 2.40 12.23
C PHE A 33 17.89 2.62 13.39
N SER A 34 18.64 1.58 13.76
CA SER A 34 19.55 1.72 14.88
C SER A 34 20.64 2.73 14.56
N GLU A 35 21.09 2.72 13.31
CA GLU A 35 22.10 3.66 12.85
C GLU A 35 21.58 5.11 13.04
N MET A 36 20.36 5.32 12.55
CA MET A 36 19.71 6.63 12.65
C MET A 36 19.53 7.06 14.10
N ALA A 37 19.14 6.14 14.97
CA ALA A 37 18.90 6.50 16.37
C ALA A 37 20.21 6.83 17.08
N ALA A 38 21.29 6.18 16.65
CA ALA A 38 22.61 6.46 17.21
C ALA A 38 23.14 7.82 16.75
N LEU A 39 22.87 8.13 15.48
CA LEU A 39 23.35 9.38 14.89
C LEU A 39 22.51 10.57 15.32
N HIS A 40 21.21 10.34 15.50
CA HIS A 40 20.29 11.42 15.80
C HIS A 40 19.34 11.08 16.95
N PRO A 41 19.90 10.77 18.12
CA PRO A 41 19.05 10.39 19.27
C PRO A 41 17.95 11.41 19.57
N HIS A 42 18.28 12.70 19.50
CA HIS A 42 17.33 13.76 19.86
C HIS A 42 16.59 14.50 18.74
N ARG A 43 16.80 14.10 17.49
CA ARG A 43 15.91 14.52 16.40
C ARG A 43 14.47 13.96 16.58
N GLU A 44 13.49 14.63 15.99
CA GLU A 44 12.09 14.25 16.14
C GLU A 44 11.69 13.08 15.22
N ALA A 45 11.34 11.95 15.82
CA ALA A 45 10.96 10.75 15.07
C ALA A 45 9.46 10.69 14.74
N ILE A 46 8.65 11.21 15.65
CA ILE A 46 7.20 11.17 15.52
C ILE A 46 6.62 12.50 16.00
N ARG A 47 5.74 13.09 15.21
CA ARG A 47 5.00 14.26 15.66
C ARG A 47 3.52 13.97 15.64
N ASP A 48 2.87 14.08 16.79
CA ASP A 48 1.44 13.82 16.87
C ASP A 48 0.71 14.91 17.65
N ARG A 49 -0.60 14.76 17.90
CA ARG A 49 -1.33 15.83 18.60
C ARG A 49 -0.83 16.09 20.04
N PHE A 50 -0.14 15.11 20.63
CA PHE A 50 0.34 15.26 22.01
C PHE A 50 1.71 15.92 22.13
N GLY A 51 2.46 15.95 21.04
CA GLY A 51 3.84 16.37 21.17
C GLY A 51 4.73 15.63 20.20
N SER A 52 6.01 15.50 20.56
CA SER A 52 6.93 14.72 19.77
C SER A 52 7.58 13.57 20.56
N VAL A 53 8.02 12.57 19.84
CA VAL A 53 8.84 11.50 20.40
C VAL A 53 10.15 11.53 19.62
N ASP A 54 11.30 11.51 20.30
CA ASP A 54 12.55 11.49 19.55
C ASP A 54 13.07 10.06 19.31
N TYR A 55 14.14 9.93 18.53
CA TYR A 55 14.65 8.63 18.14
C TYR A 55 14.97 7.75 19.33
N ARG A 56 15.75 8.26 20.28
CA ARG A 56 16.07 7.49 21.49
C ARG A 56 14.80 7.03 22.24
N GLN A 57 13.84 7.92 22.47
CA GLN A 57 12.63 7.49 23.15
C GLN A 57 11.90 6.40 22.36
N LEU A 58 11.84 6.54 21.04
CA LEU A 58 11.19 5.56 20.18
C LEU A 58 11.87 4.20 20.31
N LEU A 59 13.20 4.20 20.21
CA LEU A 59 14.01 2.99 20.36
C LEU A 59 13.84 2.35 21.74
N ASP A 60 13.90 3.14 22.81
CA ASP A 60 13.65 2.61 24.17
C ASP A 60 12.26 1.96 24.32
N SER A 61 11.23 2.64 23.84
CA SER A 61 9.88 2.12 23.99
C SER A 61 9.73 0.83 23.19
N ALA A 62 10.24 0.84 21.96
CA ALA A 62 10.16 -0.31 21.08
C ALA A 62 11.00 -1.48 21.60
N GLU A 63 12.17 -1.20 22.16
CA GLU A 63 12.98 -2.25 22.79
C GLU A 63 12.22 -2.91 23.92
N GLN A 64 11.58 -2.09 24.77
CA GLN A 64 10.78 -2.65 25.88
C GLN A 64 9.62 -3.55 25.42
N LEU A 65 8.83 -3.02 24.48
CA LEU A 65 7.76 -3.82 23.90
C LEU A 65 8.32 -5.11 23.27
N SER A 66 9.49 -4.99 22.64
CA SER A 66 10.12 -6.15 22.02
C SER A 66 10.48 -7.16 23.10
N ASP A 67 10.81 -6.68 24.30
CA ASP A 67 11.10 -7.58 25.40
C ASP A 67 9.86 -8.43 25.68
N TYR A 68 8.71 -7.77 25.72
CA TYR A 68 7.44 -8.51 25.87
C TYR A 68 7.16 -9.52 24.70
N LEU A 69 7.30 -9.05 23.47
CA LEU A 69 7.06 -9.91 22.31
C LEU A 69 7.97 -11.14 22.33
N LEU A 70 9.24 -10.93 22.64
CA LEU A 70 10.19 -12.03 22.66
C LEU A 70 9.88 -12.98 23.80
N GLU A 71 9.36 -12.45 24.91
CA GLU A 71 8.94 -13.32 26.00
C GLU A 71 7.84 -14.28 25.54
N HIS A 72 6.86 -13.78 24.79
CA HIS A 72 5.83 -14.67 24.24
C HIS A 72 6.31 -15.48 23.02
N TYR A 73 7.11 -14.87 22.14
CA TYR A 73 7.57 -15.55 20.93
C TYR A 73 9.09 -15.44 20.79
N PRO A 74 9.82 -16.33 21.47
CA PRO A 74 11.29 -16.22 21.58
C PRO A 74 12.06 -16.54 20.28
N GLN A 75 11.45 -17.29 19.37
CA GLN A 75 12.08 -17.60 18.08
C GLN A 75 11.49 -16.73 16.97
N PRO A 76 12.36 -16.09 16.19
CA PRO A 76 11.94 -15.12 15.17
C PRO A 76 11.09 -15.77 14.07
N GLY A 77 10.29 -14.96 13.38
CA GLY A 77 9.50 -15.44 12.26
C GLY A 77 8.00 -15.56 12.44
N VAL A 78 7.46 -15.01 13.54
CA VAL A 78 6.01 -15.06 13.69
C VAL A 78 5.30 -13.80 13.20
N CYS A 79 4.09 -14.00 12.68
CA CYS A 79 3.21 -12.91 12.30
C CYS A 79 2.50 -12.30 13.53
N LEU A 80 2.54 -10.98 13.63
CA LEU A 80 1.91 -10.27 14.72
C LEU A 80 1.03 -9.14 14.19
N GLY A 81 -0.18 -9.06 14.73
CA GLY A 81 -1.17 -8.11 14.28
C GLY A 81 -1.08 -6.76 14.97
N VAL A 82 -1.50 -5.71 14.28
CA VAL A 82 -1.58 -4.38 14.87
C VAL A 82 -2.91 -3.77 14.50
N TYR A 83 -3.65 -3.30 15.51
CA TYR A 83 -4.87 -2.54 15.28
C TYR A 83 -4.78 -1.14 15.90
N GLY A 84 -5.17 -0.14 15.13
CA GLY A 84 -5.57 1.15 15.66
C GLY A 84 -5.28 2.29 14.67
N GLU A 85 -5.81 3.47 14.96
CA GLU A 85 -5.49 4.66 14.16
C GLU A 85 -4.03 5.04 14.36
N TYR A 86 -3.45 5.79 13.43
CA TYR A 86 -2.05 6.16 13.62
C TYR A 86 -1.84 6.86 14.94
N SER A 87 -0.91 6.32 15.72
CA SER A 87 -0.52 6.89 17.00
C SER A 87 0.94 6.56 17.23
N ARG A 88 1.58 7.26 18.17
CA ARG A 88 2.94 6.92 18.54
C ARG A 88 3.01 5.45 19.00
N GLU A 89 1.97 4.99 19.68
CA GLU A 89 1.89 3.58 20.06
C GLU A 89 1.95 2.60 18.86
N SER A 90 1.17 2.84 17.81
CA SER A 90 1.17 1.86 16.70
C SER A 90 2.54 1.79 15.98
N ILE A 91 3.13 2.97 15.77
CA ILE A 91 4.48 3.09 15.21
C ILE A 91 5.52 2.32 16.06
N THR A 92 5.46 2.54 17.37
CA THR A 92 6.30 1.79 18.30
C THR A 92 6.07 0.26 18.17
N CYS A 93 4.81 -0.14 17.99
CA CYS A 93 4.52 -1.57 17.77
C CYS A 93 5.24 -2.10 16.55
N LEU A 94 5.20 -1.34 15.46
CA LEU A 94 5.82 -1.83 14.23
C LEU A 94 7.32 -2.04 14.45
N LEU A 95 7.96 -1.09 15.14
CA LEU A 95 9.40 -1.25 15.34
C LEU A 95 9.69 -2.42 16.30
N ALA A 96 8.87 -2.58 17.33
CA ALA A 96 9.13 -3.63 18.33
C ALA A 96 8.95 -5.03 17.68
N ILE A 97 7.95 -5.12 16.80
CA ILE A 97 7.74 -6.33 16.03
C ILE A 97 8.96 -6.63 15.18
N LEU A 98 9.43 -5.63 14.43
CA LEU A 98 10.62 -5.88 13.61
C LEU A 98 11.87 -6.26 14.41
N LEU A 99 12.08 -5.55 15.53
CA LEU A 99 13.18 -5.82 16.45
C LEU A 99 13.18 -7.25 16.96
N SER A 100 11.99 -7.81 17.09
CA SER A 100 11.82 -9.18 17.58
C SER A 100 12.02 -10.29 16.52
N GLY A 101 12.29 -9.90 15.27
CA GLY A 101 12.44 -10.87 14.21
C GLY A 101 11.07 -11.28 13.68
N HIS A 102 10.03 -10.62 14.17
CA HIS A 102 8.69 -10.94 13.72
C HIS A 102 8.22 -9.99 12.62
N HIS A 103 7.05 -10.25 12.05
CA HIS A 103 6.52 -9.42 10.98
C HIS A 103 5.12 -8.94 11.30
N TYR A 104 4.78 -7.77 10.80
CA TYR A 104 3.51 -7.16 11.19
C TYR A 104 2.44 -7.29 10.13
N LEU A 105 1.20 -7.31 10.62
CA LEU A 105 0.02 -7.39 9.78
C LEU A 105 -1.03 -6.42 10.30
N TYR A 106 -1.60 -5.59 9.42
CA TYR A 106 -2.72 -4.77 9.86
C TYR A 106 -4.01 -5.58 10.05
N ILE A 107 -4.67 -5.38 11.19
CA ILE A 107 -5.97 -6.00 11.41
C ILE A 107 -6.97 -4.93 11.80
N ASP A 108 -8.03 -4.79 11.01
CA ASP A 108 -9.05 -3.81 11.32
C ASP A 108 -10.15 -4.51 12.11
N LEU A 109 -10.20 -4.23 13.41
CA LEU A 109 -11.12 -4.92 14.32
C LEU A 109 -12.58 -4.51 14.09
N LYS A 110 -12.79 -3.51 13.24
CA LYS A 110 -14.15 -3.11 12.88
C LYS A 110 -14.67 -3.89 11.66
N GLN A 111 -13.84 -4.74 11.07
CA GLN A 111 -14.30 -5.68 10.05
C GLN A 111 -14.98 -6.85 10.74
N PRO A 112 -15.78 -7.64 9.99
CA PRO A 112 -16.44 -8.81 10.59
C PRO A 112 -15.42 -9.79 11.18
N ALA A 113 -15.69 -10.27 12.38
CA ALA A 113 -14.75 -11.13 13.09
C ALA A 113 -14.43 -12.42 12.31
N ALA A 114 -15.42 -12.99 11.63
CA ALA A 114 -15.16 -14.22 10.88
C ALA A 114 -14.11 -14.00 9.80
N TRP A 115 -14.24 -12.86 9.12
CA TRP A 115 -13.27 -12.47 8.08
C TRP A 115 -11.87 -12.36 8.67
N ASN A 116 -11.74 -11.60 9.77
CA ASN A 116 -10.43 -11.45 10.41
C ASN A 116 -9.85 -12.76 10.94
N ALA A 117 -10.70 -13.62 11.48
CA ALA A 117 -10.25 -14.89 11.98
C ALA A 117 -9.64 -15.70 10.84
N GLU A 118 -10.29 -15.66 9.69
CA GLU A 118 -9.75 -16.39 8.56
C GLU A 118 -8.43 -15.77 8.01
N LEU A 119 -8.33 -14.44 7.98
CA LEU A 119 -7.04 -13.84 7.64
C LEU A 119 -5.92 -14.30 8.62
N CYS A 120 -6.25 -14.32 9.91
CA CYS A 120 -5.28 -14.69 10.94
C CYS A 120 -4.86 -16.14 10.80
N ARG A 121 -5.82 -17.00 10.46
CA ARG A 121 -5.48 -18.39 10.17
C ARG A 121 -4.59 -18.50 8.92
N GLN A 122 -4.91 -17.74 7.87
CA GLN A 122 -4.17 -17.86 6.62
C GLN A 122 -2.69 -17.61 6.86
N VAL A 123 -2.38 -16.59 7.64
CA VAL A 123 -0.98 -16.27 7.94
C VAL A 123 -0.42 -16.69 9.31
N ASP A 124 -1.21 -17.43 10.08
CA ASP A 124 -0.83 -17.85 11.42
C ASP A 124 -0.48 -16.65 12.31
N CYS A 125 -1.30 -15.61 12.25
CA CYS A 125 -1.09 -14.44 13.11
C CYS A 125 -1.39 -14.86 14.54
N ARG A 126 -0.38 -14.76 15.40
CA ARG A 126 -0.45 -15.35 16.73
C ARG A 126 -1.13 -14.45 17.76
N LEU A 127 -0.99 -13.16 17.58
CA LEU A 127 -1.43 -12.20 18.59
C LEU A 127 -1.66 -10.85 17.91
N ILE A 128 -2.62 -10.09 18.42
CA ILE A 128 -2.90 -8.79 17.84
C ILE A 128 -2.68 -7.71 18.90
N LEU A 129 -1.84 -6.73 18.57
CA LEU A 129 -1.55 -5.65 19.52
C LEU A 129 -2.59 -4.56 19.31
N ASP A 130 -3.46 -4.37 20.31
CA ASP A 130 -4.57 -3.42 20.16
C ASP A 130 -4.10 -2.07 20.64
N CYS A 131 -4.00 -1.10 19.72
CA CYS A 131 -3.55 0.23 20.08
C CYS A 131 -4.66 1.24 20.25
N SER A 132 -5.91 0.82 20.07
CA SER A 132 -7.02 1.77 20.16
C SER A 132 -7.08 2.37 21.56
N THR A 133 -7.57 3.58 21.66
CA THR A 133 -7.78 4.16 22.97
C THR A 133 -9.10 3.67 23.54
N THR A 134 -10.12 3.63 22.69
CA THR A 134 -11.45 3.21 23.11
C THR A 134 -11.65 1.71 22.90
N PRO A 135 -12.22 1.02 23.91
CA PRO A 135 -12.40 -0.43 23.79
C PRO A 135 -13.25 -0.85 22.59
N THR A 136 -12.68 -1.74 21.76
CA THR A 136 -13.37 -2.39 20.65
C THR A 136 -13.32 -3.91 20.85
N PRO A 137 -14.48 -4.56 20.88
CA PRO A 137 -14.50 -6.01 21.11
C PRO A 137 -13.52 -6.74 20.20
N ALA A 138 -12.84 -7.76 20.73
CA ALA A 138 -11.96 -8.60 19.92
C ALA A 138 -12.66 -9.83 19.32
N ASN A 139 -13.87 -10.13 19.81
CA ASN A 139 -14.62 -11.29 19.32
C ASN A 139 -13.81 -12.60 19.24
N GLY A 140 -13.04 -12.89 20.29
CA GLY A 140 -12.35 -14.16 20.37
C GLY A 140 -11.01 -14.16 19.66
N LEU A 141 -10.71 -13.12 18.90
CA LEU A 141 -9.40 -13.00 18.27
C LEU A 141 -8.37 -12.70 19.36
N PRO A 142 -7.11 -13.11 19.14
CA PRO A 142 -6.10 -13.02 20.20
C PRO A 142 -5.50 -11.61 20.32
N CYS A 143 -6.20 -10.73 21.05
CA CYS A 143 -5.83 -9.32 21.19
C CYS A 143 -5.30 -9.02 22.58
N VAL A 144 -4.34 -8.11 22.66
CA VAL A 144 -3.91 -7.57 23.94
C VAL A 144 -3.87 -6.05 23.89
N PRO A 145 -4.30 -5.39 24.98
CA PRO A 145 -4.27 -3.92 25.04
C PRO A 145 -2.83 -3.45 25.12
N VAL A 146 -2.43 -2.55 24.25
CA VAL A 146 -1.01 -2.25 24.14
C VAL A 146 -0.55 -1.33 25.28
N ARG A 147 -1.46 -0.56 25.85
CA ARG A 147 -1.12 0.35 26.94
C ARG A 147 -1.13 -0.40 28.27
N HIS A 148 -1.76 -1.56 28.26
CA HIS A 148 -1.90 -2.35 29.48
C HIS A 148 -1.00 -3.58 29.71
N LEU A 149 0.01 -3.75 28.86
CA LEU A 149 0.91 -4.90 28.94
C LEU A 149 1.75 -4.99 30.22
N PRO A 150 2.03 -6.23 30.65
CA PRO A 150 2.86 -6.53 31.82
C PRO A 150 4.36 -6.41 31.52
N ALA A 151 5.15 -6.18 32.56
CA ALA A 151 6.60 -6.06 32.44
C ALA A 151 7.23 -7.37 31.93
N ALA A 152 8.27 -7.24 31.11
CA ALA A 152 9.02 -8.42 30.69
C ALA A 152 10.49 -8.23 30.99
N PRO A 153 11.24 -9.33 31.13
CA PRO A 153 12.69 -9.26 31.39
C PRO A 153 13.39 -8.58 30.22
N ALA A 154 14.33 -7.69 30.49
CA ALA A 154 15.03 -7.02 29.39
C ALA A 154 15.80 -8.05 28.57
N SER A 155 15.55 -8.07 27.26
CA SER A 155 16.14 -9.09 26.42
C SER A 155 17.65 -9.11 26.53
N VAL A 156 18.21 -10.28 26.78
CA VAL A 156 19.65 -10.43 26.84
C VAL A 156 20.23 -10.13 25.45
N ALA A 157 19.62 -10.73 24.42
CA ALA A 157 19.98 -10.46 23.04
C ALA A 157 18.76 -10.65 22.14
N ARG A 158 18.59 -9.78 21.15
CA ARG A 158 17.49 -9.93 20.22
C ARG A 158 17.94 -10.82 19.09
N PRO A 159 17.00 -11.52 18.45
CA PRO A 159 17.33 -12.47 17.38
C PRO A 159 18.16 -11.82 16.29
N CYS A 160 19.02 -12.60 15.67
CA CYS A 160 19.82 -12.14 14.54
C CYS A 160 19.17 -12.65 13.27
N PHE A 161 19.15 -11.80 12.26
CA PHE A 161 18.57 -12.17 10.98
C PHE A 161 19.12 -11.28 9.89
N ALA A 162 18.98 -11.72 8.65
CA ALA A 162 19.39 -10.95 7.49
C ALA A 162 18.19 -10.24 6.86
N ALA A 163 18.45 -9.46 5.82
CA ALA A 163 17.46 -8.57 5.22
C ALA A 163 16.37 -9.34 4.47
N ASP A 164 16.57 -10.66 4.36
CA ASP A 164 15.57 -11.54 3.78
C ASP A 164 14.46 -11.90 4.78
N GLN A 165 14.64 -11.53 6.05
CA GLN A 165 13.59 -11.75 7.04
C GLN A 165 12.30 -11.03 6.59
N ILE A 166 11.16 -11.67 6.81
CA ILE A 166 9.87 -11.03 6.52
C ILE A 166 9.69 -9.87 7.50
N ALA A 167 9.44 -8.68 6.97
CA ALA A 167 8.99 -7.52 7.74
C ALA A 167 7.46 -7.42 7.95
N TYR A 168 6.70 -7.71 6.92
CA TYR A 168 5.25 -7.58 7.06
C TYR A 168 4.48 -8.38 6.04
N ILE A 169 3.18 -8.54 6.31
CA ILE A 169 2.27 -9.12 5.35
C ILE A 169 1.17 -8.13 4.96
N ASN A 170 0.90 -8.01 3.65
CA ASN A 170 -0.26 -7.27 3.18
C ASN A 170 -1.15 -8.20 2.38
N PHE A 171 -2.44 -8.21 2.68
CA PHE A 171 -3.33 -9.11 1.96
C PHE A 171 -3.77 -8.45 0.65
N SER A 172 -3.82 -9.24 -0.42
CA SER A 172 -4.31 -8.75 -1.70
C SER A 172 -5.57 -9.49 -2.15
N SER A 173 -6.60 -8.72 -2.49
CA SER A 173 -7.85 -9.25 -3.07
C SER A 173 -7.89 -9.13 -4.60
N GLY A 174 -6.75 -8.75 -5.17
CA GLY A 174 -6.65 -8.47 -6.60
C GLY A 174 -6.75 -9.67 -7.53
N THR A 175 -6.64 -10.87 -6.96
CA THR A 175 -6.74 -12.10 -7.76
C THR A 175 -7.54 -13.24 -7.11
N THR A 176 -8.50 -13.73 -7.88
CA THR A 176 -9.61 -14.58 -7.46
C THR A 176 -10.39 -14.00 -6.29
N GLY A 177 -11.05 -14.88 -5.55
CA GLY A 177 -11.98 -14.50 -4.49
C GLY A 177 -11.42 -14.75 -3.10
N ARG A 178 -10.24 -15.36 -3.04
CA ARG A 178 -9.57 -15.59 -1.77
C ARG A 178 -8.39 -14.67 -1.56
N PRO A 179 -8.39 -13.97 -0.42
CA PRO A 179 -7.32 -13.02 -0.10
C PRO A 179 -5.94 -13.70 -0.09
N LYS A 180 -4.98 -13.10 -0.77
CA LYS A 180 -3.64 -13.65 -0.85
C LYS A 180 -2.66 -12.82 -0.01
N ALA A 181 -1.90 -13.50 0.84
CA ALA A 181 -0.98 -12.80 1.75
C ALA A 181 0.38 -12.59 1.10
N ILE A 182 0.77 -11.33 0.90
CA ILE A 182 2.07 -11.00 0.34
C ILE A 182 3.10 -10.73 1.42
N ALA A 183 4.13 -11.56 1.51
CA ALA A 183 5.14 -11.35 2.56
C ALA A 183 6.29 -10.54 2.01
N CYS A 184 6.45 -9.35 2.56
CA CYS A 184 7.48 -8.42 2.14
C CYS A 184 8.63 -8.44 3.15
N THR A 185 9.81 -8.14 2.66
CA THR A 185 11.06 -8.49 3.31
C THR A 185 11.66 -7.19 3.88
N HIS A 186 12.50 -7.28 4.90
CA HIS A 186 13.29 -6.13 5.36
C HIS A 186 14.02 -5.40 4.20
N ALA A 187 14.66 -6.17 3.32
CA ALA A 187 15.33 -5.62 2.14
C ALA A 187 14.41 -4.82 1.23
N GLY A 188 13.16 -5.26 1.05
CA GLY A 188 12.24 -4.57 0.18
C GLY A 188 12.01 -3.16 0.70
N ILE A 189 11.92 -3.07 2.04
CA ILE A 189 11.75 -1.78 2.70
C ILE A 189 12.97 -0.88 2.65
N THR A 190 14.15 -1.41 3.00
CA THR A 190 15.35 -0.56 3.03
C THR A 190 15.78 -0.19 1.59
N ARG A 191 15.55 -1.07 0.63
CA ARG A 191 15.83 -0.73 -0.77
C ARG A 191 14.88 0.35 -1.22
N LEU A 192 13.62 0.26 -0.79
CA LEU A 192 12.65 1.31 -1.12
C LEU A 192 13.10 2.69 -0.60
N CYS A 193 13.55 2.72 0.66
CA CYS A 193 13.73 4.01 1.34
C CYS A 193 15.10 4.69 1.26
N LEU A 194 16.13 3.97 0.83
CA LEU A 194 17.50 4.48 0.89
C LEU A 194 18.11 4.73 -0.48
N GLY A 195 18.86 5.83 -0.61
CA GLY A 195 19.60 6.12 -1.83
C GLY A 195 18.73 6.44 -3.05
N GLN A 196 17.53 6.95 -2.81
CA GLN A 196 16.65 7.20 -3.95
C GLN A 196 16.63 8.68 -4.35
N SER A 197 16.90 8.94 -5.62
CA SER A 197 16.82 10.31 -6.14
C SER A 197 15.42 10.93 -6.06
N PHE A 198 14.37 10.11 -6.05
CA PHE A 198 13.02 10.69 -6.02
C PHE A 198 12.61 11.11 -4.59
N LEU A 199 13.43 10.73 -3.60
CA LEU A 199 13.25 11.15 -2.20
C LEU A 199 14.21 12.25 -1.74
N ALA A 200 14.90 12.86 -2.69
CA ALA A 200 16.06 13.72 -2.36
C ALA A 200 15.76 15.21 -2.13
N PHE A 201 14.49 15.59 -2.08
CA PHE A 201 14.14 17.02 -2.05
C PHE A 201 13.76 17.66 -0.70
N ALA A 202 13.77 16.86 0.36
CA ALA A 202 13.39 17.36 1.67
C ALA A 202 14.37 16.89 2.74
N PRO A 203 15.42 17.69 3.01
CA PRO A 203 16.47 17.26 3.95
C PRO A 203 15.89 16.72 5.28
N GLN A 204 14.80 17.32 5.75
CA GLN A 204 14.21 16.94 7.05
C GLN A 204 13.31 15.73 6.98
N MET A 205 12.96 15.31 5.76
CA MET A 205 12.21 14.09 5.56
C MET A 205 11.02 14.00 6.50
N ARG A 206 10.16 15.03 6.51
CA ARG A 206 9.03 14.97 7.43
C ARG A 206 7.81 14.49 6.66
N PHE A 207 7.53 13.20 6.83
CA PHE A 207 6.53 12.52 6.01
C PHE A 207 5.17 12.57 6.66
N LEU A 208 4.17 12.97 5.88
CA LEU A 208 2.80 12.80 6.27
C LEU A 208 2.56 11.30 6.40
N VAL A 209 2.09 10.87 7.55
CA VAL A 209 1.66 9.50 7.74
C VAL A 209 0.14 9.47 7.78
N ASN A 210 -0.43 8.94 6.71
CA ASN A 210 -1.85 9.01 6.41
C ASN A 210 -2.46 7.64 5.96
N SER A 211 -1.82 7.03 4.97
CA SER A 211 -2.23 5.71 4.45
C SER A 211 -2.28 4.63 5.53
N PRO A 212 -3.43 3.95 5.67
CA PRO A 212 -3.49 2.90 6.70
C PRO A 212 -2.53 1.77 6.40
N LEU A 213 -2.16 1.00 7.43
CA LEU A 213 -1.18 -0.06 7.29
C LEU A 213 -1.58 -1.23 6.38
N SER A 214 -2.84 -1.25 5.92
CA SER A 214 -3.26 -2.29 4.99
C SER A 214 -2.75 -1.96 3.58
N PHE A 215 -2.24 -0.75 3.40
CA PHE A 215 -1.61 -0.38 2.13
C PHE A 215 -0.10 -0.22 2.25
N ASP A 216 0.64 -0.68 1.26
CA ASP A 216 2.10 -0.55 1.34
C ASP A 216 2.58 0.86 0.98
N ALA A 217 1.67 1.80 0.71
CA ALA A 217 2.05 3.21 0.67
C ALA A 217 2.59 3.61 2.05
N ALA A 218 1.99 3.01 3.07
CA ALA A 218 2.43 3.22 4.44
C ALA A 218 3.90 2.92 4.62
N THR A 219 4.39 1.90 3.95
CA THR A 219 5.81 1.56 4.05
C THR A 219 6.69 2.76 3.72
N LEU A 220 6.30 3.48 2.68
CA LEU A 220 7.04 4.69 2.32
C LEU A 220 6.83 5.80 3.36
N GLU A 221 5.57 6.03 3.74
CA GLU A 221 5.31 7.14 4.67
C GLU A 221 6.06 7.02 5.99
N ILE A 222 6.09 5.81 6.53
CA ILE A 222 6.71 5.55 7.81
C ILE A 222 8.21 5.37 7.70
N TRP A 223 8.63 4.34 6.96
CA TRP A 223 10.05 4.03 6.91
C TRP A 223 10.86 5.03 6.08
N GLY A 224 10.23 5.70 5.12
CA GLY A 224 10.92 6.75 4.42
C GLY A 224 11.43 7.84 5.37
N ALA A 225 10.62 8.20 6.35
CA ALA A 225 11.07 9.08 7.44
C ALA A 225 12.07 8.41 8.36
N LEU A 226 11.66 7.31 8.99
CA LEU A 226 12.45 6.80 10.12
C LEU A 226 13.80 6.24 9.68
N LEU A 227 13.90 5.76 8.45
CA LEU A 227 15.17 5.21 7.99
C LEU A 227 16.10 6.31 7.46
N ASN A 228 15.56 7.52 7.33
CA ASN A 228 16.36 8.71 7.02
C ASN A 228 16.63 9.75 8.11
N GLY A 229 16.22 9.47 9.36
CA GLY A 229 16.38 10.45 10.41
C GLY A 229 15.32 11.55 10.34
N GLY A 230 14.26 11.29 9.58
CA GLY A 230 13.15 12.23 9.42
C GLY A 230 12.08 12.03 10.47
N CYS A 231 10.91 12.62 10.24
CA CYS A 231 9.83 12.57 11.23
C CYS A 231 8.54 12.03 10.65
N CYS A 232 7.92 11.12 11.38
CA CYS A 232 6.59 10.68 11.00
C CYS A 232 5.63 11.70 11.56
N VAL A 233 4.97 12.43 10.66
CA VAL A 233 3.98 13.40 11.07
C VAL A 233 2.63 12.72 10.89
N LEU A 234 2.04 12.30 12.01
CA LEU A 234 0.91 11.40 11.96
C LEU A 234 -0.33 12.20 11.72
N ASN A 235 -1.22 11.73 10.85
CA ASN A 235 -2.49 12.42 10.77
C ASN A 235 -3.40 11.77 11.77
N ASP A 236 -3.48 12.42 12.93
CA ASP A 236 -4.47 12.15 13.98
C ASP A 236 -5.57 13.21 14.01
N LEU A 237 -5.60 14.05 12.99
CA LEU A 237 -6.58 15.14 12.93
C LEU A 237 -7.96 14.74 12.40
N GLY A 238 -7.99 13.93 11.35
CA GLY A 238 -9.23 13.55 10.73
C GLY A 238 -9.00 13.15 9.28
N PRO A 239 -10.06 12.69 8.59
CA PRO A 239 -9.93 12.28 7.18
C PRO A 239 -9.21 13.36 6.39
N LEU A 240 -8.21 12.97 5.61
CA LEU A 240 -7.39 13.95 4.94
C LEU A 240 -8.22 14.73 3.90
N ASP A 241 -8.21 16.05 4.04
CA ASP A 241 -8.88 16.97 3.13
C ASP A 241 -8.01 18.23 3.10
N PRO A 242 -8.46 19.29 2.40
CA PRO A 242 -7.57 20.47 2.28
C PRO A 242 -7.24 21.11 3.62
N GLY A 243 -8.22 21.22 4.50
CA GLY A 243 -8.02 21.84 5.80
C GLY A 243 -7.06 21.03 6.65
N VAL A 244 -7.33 19.74 6.77
CA VAL A 244 -6.46 18.85 7.56
C VAL A 244 -5.03 18.81 7.01
N LEU A 245 -4.88 18.76 5.69
CA LEU A 245 -3.54 18.79 5.09
C LEU A 245 -2.84 20.11 5.42
N ARG A 246 -3.56 21.21 5.22
CA ARG A 246 -3.04 22.54 5.54
C ARG A 246 -2.56 22.62 6.98
N GLN A 247 -3.29 21.99 7.90
CA GLN A 247 -2.92 22.00 9.31
C GLN A 247 -1.67 21.18 9.53
N LEU A 248 -1.63 20.02 8.91
CA LEU A 248 -0.53 19.09 9.10
C LEU A 248 0.78 19.67 8.55
N ILE A 249 0.71 20.42 7.46
CA ILE A 249 1.88 21.11 6.94
C ILE A 249 2.23 22.32 7.82
N GLY A 250 1.24 23.18 8.06
CA GLY A 250 1.48 24.44 8.75
C GLY A 250 1.76 24.30 10.24
N GLU A 251 0.98 23.47 10.93
CA GLU A 251 1.17 23.28 12.36
C GLU A 251 2.25 22.28 12.71
N ARG A 252 2.34 21.22 11.93
CA ARG A 252 3.31 20.16 12.21
C ARG A 252 4.57 20.05 11.34
N GLY A 253 4.67 20.88 10.30
CA GLY A 253 5.85 20.85 9.46
C GLY A 253 6.06 19.68 8.51
N ALA A 254 4.99 18.97 8.13
CA ALA A 254 5.15 17.96 7.10
C ALA A 254 5.62 18.63 5.80
N ASP A 255 6.74 18.14 5.27
CA ASP A 255 7.27 18.54 3.97
C ASP A 255 7.23 17.49 2.83
N SER A 256 6.81 16.26 3.13
CA SER A 256 6.86 15.17 2.17
C SER A 256 5.56 14.40 2.28
N ALA A 257 4.98 14.00 1.17
CA ALA A 257 3.72 13.27 1.27
C ALA A 257 3.46 12.34 0.10
N TRP A 258 2.77 11.25 0.41
CA TRP A 258 2.16 10.41 -0.60
C TRP A 258 0.66 10.74 -0.61
N LEU A 259 0.11 10.93 -1.80
CA LEU A 259 -1.32 11.09 -1.99
C LEU A 259 -1.70 10.27 -3.20
N THR A 260 -2.58 9.30 -2.98
CA THR A 260 -3.05 8.51 -4.09
C THR A 260 -3.74 9.39 -5.14
N ALA A 261 -3.70 8.95 -6.39
CA ALA A 261 -4.16 9.75 -7.53
C ALA A 261 -5.51 10.42 -7.30
N SER A 262 -6.53 9.66 -6.87
CA SER A 262 -7.87 10.25 -6.79
C SER A 262 -7.94 11.28 -5.65
N LEU A 263 -7.18 11.05 -4.57
CA LEU A 263 -7.12 12.03 -3.47
C LEU A 263 -6.39 13.30 -3.91
N PHE A 264 -5.27 13.11 -4.60
CA PHE A 264 -4.55 14.19 -5.26
C PHE A 264 -5.52 15.01 -6.12
N ASN A 265 -6.24 14.35 -7.01
CA ASN A 265 -7.14 15.04 -7.92
C ASN A 265 -8.19 15.88 -7.18
N THR A 266 -8.80 15.29 -6.15
CA THR A 266 -9.78 15.98 -5.34
C THR A 266 -9.21 17.22 -4.63
N LEU A 267 -8.07 17.05 -3.99
CA LEU A 267 -7.45 18.16 -3.27
C LEU A 267 -7.13 19.25 -4.26
N VAL A 268 -6.68 18.86 -5.45
CA VAL A 268 -6.32 19.83 -6.46
C VAL A 268 -7.52 20.59 -7.02
N ASP A 269 -8.64 19.87 -7.24
CA ASP A 269 -9.93 20.44 -7.67
C ASP A 269 -10.46 21.45 -6.66
N LEU A 270 -10.45 21.06 -5.40
CA LEU A 270 -11.01 21.85 -4.32
C LEU A 270 -10.17 23.06 -3.92
N ASP A 271 -8.91 22.81 -3.58
CA ASP A 271 -8.04 23.85 -3.04
C ASP A 271 -6.57 23.55 -3.37
N PRO A 272 -6.15 23.82 -4.59
CA PRO A 272 -4.79 23.45 -5.01
C PRO A 272 -3.73 24.11 -4.13
N ASP A 273 -4.03 25.23 -3.48
CA ASP A 273 -3.09 25.82 -2.55
C ASP A 273 -2.86 24.99 -1.29
N CYS A 274 -3.67 23.95 -1.05
CA CYS A 274 -3.45 23.16 0.18
C CYS A 274 -2.14 22.37 0.14
N LEU A 275 -1.53 22.28 -1.04
CA LEU A 275 -0.28 21.57 -1.17
C LEU A 275 0.91 22.46 -0.75
N GLY A 276 0.68 23.76 -0.64
CA GLY A 276 1.74 24.71 -0.36
C GLY A 276 2.56 24.30 0.86
N GLY A 277 3.89 24.33 0.74
CA GLY A 277 4.74 23.91 1.84
C GLY A 277 5.26 22.48 1.72
N LEU A 278 4.66 21.68 0.82
CA LEU A 278 5.24 20.36 0.48
C LEU A 278 6.49 20.52 -0.39
N ARG A 279 7.57 19.86 0.01
CA ARG A 279 8.80 19.85 -0.78
C ARG A 279 8.78 18.76 -1.85
N GLN A 280 8.30 17.57 -1.46
CA GLN A 280 8.14 16.47 -2.40
C GLN A 280 6.81 15.78 -2.17
N LEU A 281 6.08 15.60 -3.26
CA LEU A 281 4.76 14.97 -3.28
C LEU A 281 4.83 13.79 -4.26
N LEU A 282 4.56 12.60 -3.76
CA LEU A 282 4.49 11.41 -4.58
C LEU A 282 3.04 11.00 -4.70
N THR A 283 2.64 10.64 -5.90
CA THR A 283 1.27 10.24 -6.19
C THR A 283 1.30 9.06 -7.17
N GLY A 284 0.16 8.42 -7.37
CA GLY A 284 0.13 7.20 -8.17
C GLY A 284 -0.97 6.26 -7.72
N GLY A 285 -0.77 4.97 -7.96
CA GLY A 285 -1.75 3.98 -7.56
C GLY A 285 -2.81 3.77 -8.63
N ASP A 286 -3.00 4.77 -9.47
CA ASP A 286 -3.82 4.70 -10.67
C ASP A 286 -3.16 5.58 -11.71
N ILE A 287 -3.64 5.48 -12.95
CA ILE A 287 -3.23 6.39 -14.02
C ILE A 287 -3.45 7.84 -13.56
N LEU A 288 -2.39 8.62 -13.62
CA LEU A 288 -2.48 10.01 -13.21
C LEU A 288 -3.29 10.81 -14.23
N SER A 289 -4.01 11.80 -13.72
CA SER A 289 -4.78 12.70 -14.58
C SER A 289 -3.88 13.89 -14.94
N VAL A 290 -3.47 13.95 -16.19
CA VAL A 290 -2.63 15.03 -16.66
C VAL A 290 -3.24 16.41 -16.37
N PRO A 291 -4.56 16.57 -16.59
CA PRO A 291 -5.10 17.91 -16.28
C PRO A 291 -4.92 18.34 -14.82
N HIS A 292 -5.03 17.40 -13.88
CA HIS A 292 -4.85 17.72 -12.46
C HIS A 292 -3.36 17.94 -12.11
N VAL A 293 -2.46 17.15 -12.71
CA VAL A 293 -1.02 17.34 -12.52
C VAL A 293 -0.61 18.71 -13.04
N ARG A 294 -1.16 19.08 -14.20
CA ARG A 294 -0.97 20.39 -14.79
C ARG A 294 -1.45 21.48 -13.82
N ARG A 295 -2.66 21.33 -13.31
CA ARG A 295 -3.17 22.38 -12.41
C ARG A 295 -2.26 22.54 -11.16
N ALA A 296 -1.84 21.39 -10.60
CA ALA A 296 -0.97 21.40 -9.44
C ALA A 296 0.37 22.07 -9.74
N LEU A 297 1.08 21.59 -10.76
CA LEU A 297 2.44 22.09 -11.03
C LEU A 297 2.47 23.54 -11.50
N LEU A 298 1.43 23.94 -12.24
CA LEU A 298 1.32 25.34 -12.66
C LEU A 298 1.07 26.23 -11.45
N ARG A 299 0.43 25.72 -10.42
CA ARG A 299 0.31 26.51 -9.17
C ARG A 299 1.58 26.47 -8.27
N HIS A 300 2.28 25.35 -8.27
CA HIS A 300 3.47 25.15 -7.42
C HIS A 300 4.65 24.71 -8.27
N PRO A 301 5.30 25.67 -8.95
CA PRO A 301 6.37 25.29 -9.88
C PRO A 301 7.67 24.76 -9.24
N ARG A 302 7.86 25.01 -7.94
CA ARG A 302 9.05 24.50 -7.25
C ARG A 302 8.77 23.14 -6.59
N LEU A 303 7.54 22.67 -6.66
CA LEU A 303 7.19 21.39 -6.05
C LEU A 303 7.82 20.25 -6.85
N HIS A 304 8.43 19.29 -6.16
CA HIS A 304 8.88 18.09 -6.82
C HIS A 304 7.78 17.03 -6.70
N LEU A 305 7.18 16.72 -7.84
CA LEU A 305 6.13 15.74 -7.94
C LEU A 305 6.66 14.44 -8.57
N VAL A 306 6.34 13.31 -7.95
CA VAL A 306 6.79 12.01 -8.43
C VAL A 306 5.61 11.07 -8.75
N ASN A 307 5.62 10.49 -9.94
CA ASN A 307 4.62 9.47 -10.26
C ASN A 307 5.25 8.13 -9.85
N GLY A 308 4.76 7.54 -8.76
CA GLY A 308 5.20 6.22 -8.37
C GLY A 308 4.28 5.11 -8.88
N TYR A 309 4.88 4.03 -9.38
CA TYR A 309 4.13 2.90 -9.90
C TYR A 309 4.72 1.63 -9.31
N GLY A 310 3.86 0.70 -8.88
CA GLY A 310 4.34 -0.63 -8.60
C GLY A 310 3.30 -1.49 -7.92
N PRO A 311 3.43 -2.83 -8.02
CA PRO A 311 2.49 -3.63 -7.23
C PRO A 311 3.06 -4.00 -5.87
N THR A 312 2.23 -4.60 -5.02
CA THR A 312 2.61 -4.91 -3.65
C THR A 312 3.68 -6.03 -3.60
N GLU A 313 3.60 -6.96 -4.55
CA GLU A 313 4.56 -8.06 -4.70
C GLU A 313 6.01 -7.58 -4.92
N ASN A 314 6.15 -6.34 -5.39
CA ASN A 314 7.45 -5.66 -5.51
C ASN A 314 7.69 -4.56 -4.47
N THR A 315 6.92 -4.60 -3.39
CA THR A 315 7.14 -3.71 -2.25
C THR A 315 6.98 -2.21 -2.56
N THR A 316 5.73 -1.73 -2.62
CA THR A 316 5.51 -0.29 -2.87
C THR A 316 5.77 0.19 -4.30
N PHE A 317 6.98 0.63 -4.58
CA PHE A 317 7.30 1.14 -5.92
C PHE A 317 8.16 0.18 -6.73
N THR A 318 7.93 0.22 -8.05
CA THR A 318 8.72 -0.51 -9.01
C THR A 318 9.41 0.54 -9.89
N CYS A 319 8.63 1.42 -10.50
CA CYS A 319 9.19 2.58 -11.19
C CYS A 319 8.71 3.90 -10.58
N CYS A 320 9.56 4.92 -10.63
CA CYS A 320 9.13 6.28 -10.33
C CYS A 320 9.62 7.23 -11.41
N HIS A 321 8.90 8.34 -11.54
CA HIS A 321 9.27 9.36 -12.51
C HIS A 321 9.11 10.75 -11.88
N VAL A 322 10.17 11.54 -11.87
CA VAL A 322 10.05 12.91 -11.40
C VAL A 322 9.43 13.73 -12.53
N VAL A 323 8.27 14.32 -12.26
CA VAL A 323 7.51 14.98 -13.30
C VAL A 323 8.19 16.26 -13.81
N THR A 324 8.36 16.38 -15.13
CA THR A 324 8.96 17.59 -15.68
C THR A 324 7.98 18.53 -16.34
N ASP A 325 8.50 19.68 -16.71
CA ASP A 325 7.75 20.68 -17.45
C ASP A 325 7.19 20.12 -18.76
N ASP A 326 8.02 19.41 -19.51
CA ASP A 326 7.60 18.81 -20.76
C ASP A 326 6.50 17.77 -20.59
N ASP A 327 6.57 17.02 -19.50
CA ASP A 327 5.59 15.96 -19.24
C ASP A 327 4.17 16.51 -19.26
N LEU A 328 4.02 17.78 -18.95
CA LEU A 328 2.69 18.37 -18.82
C LEU A 328 2.02 18.53 -20.17
N GLU A 329 2.79 18.28 -21.23
CA GLU A 329 2.25 18.35 -22.59
C GLU A 329 1.83 16.99 -23.14
N GLU A 330 2.01 15.93 -22.35
CA GLU A 330 1.74 14.58 -22.88
C GLU A 330 0.35 14.09 -22.50
N ASP A 331 -0.05 12.95 -23.08
CA ASP A 331 -1.37 12.37 -22.85
C ASP A 331 -1.36 11.62 -21.52
N ASP A 332 -0.17 11.28 -21.04
CA ASP A 332 -0.01 10.56 -19.78
C ASP A 332 1.32 10.95 -19.15
N ILE A 333 1.40 10.93 -17.82
CA ILE A 333 2.67 11.14 -17.12
C ILE A 333 3.44 9.82 -17.12
N PRO A 334 4.70 9.84 -17.61
CA PRO A 334 5.52 8.62 -17.58
C PRO A 334 5.56 8.03 -16.18
N ILE A 335 5.69 6.71 -16.08
CA ILE A 335 5.96 6.07 -14.79
C ILE A 335 7.46 5.90 -14.62
N GLY A 336 8.20 6.37 -15.62
CA GLY A 336 9.65 6.51 -15.51
C GLY A 336 10.50 5.25 -15.58
N LYS A 337 11.41 5.11 -14.61
CA LYS A 337 12.38 4.01 -14.64
C LYS A 337 12.44 3.30 -13.29
N ALA A 338 13.11 2.14 -13.26
CA ALA A 338 13.30 1.36 -12.04
C ALA A 338 13.88 2.17 -10.88
N ILE A 339 13.30 2.04 -9.70
CA ILE A 339 13.90 2.66 -8.54
C ILE A 339 15.12 1.84 -8.18
N ALA A 340 16.04 2.45 -7.42
CA ALA A 340 17.22 1.73 -6.97
C ALA A 340 16.86 0.41 -6.27
N GLY A 341 17.63 -0.65 -6.54
CA GLY A 341 17.38 -1.95 -5.94
C GLY A 341 16.42 -2.79 -6.77
N THR A 342 15.82 -2.14 -7.76
CA THR A 342 14.91 -2.83 -8.66
C THR A 342 15.40 -2.77 -10.09
N ALA A 343 15.00 -3.75 -10.90
CA ALA A 343 15.18 -3.66 -12.34
C ALA A 343 13.88 -4.07 -13.04
N VAL A 344 13.66 -3.59 -14.25
CA VAL A 344 12.49 -4.04 -15.01
C VAL A 344 12.85 -4.43 -16.44
N LEU A 345 12.08 -5.35 -17.01
CA LEU A 345 12.09 -5.58 -18.44
C LEU A 345 10.65 -5.45 -18.91
N LEU A 346 10.50 -5.22 -20.20
CA LEU A 346 9.21 -5.23 -20.85
C LEU A 346 9.20 -6.44 -21.79
N LEU A 347 8.28 -7.38 -21.56
CA LEU A 347 8.26 -8.65 -22.32
C LEU A 347 7.09 -8.82 -23.29
N ASP A 348 7.38 -9.30 -24.50
CA ASP A 348 6.32 -9.47 -25.50
C ASP A 348 5.53 -10.77 -25.33
N GLU A 349 4.62 -11.02 -26.27
CA GLU A 349 3.81 -12.23 -26.27
C GLU A 349 4.67 -13.50 -26.21
N HIS A 350 5.85 -13.44 -26.82
CA HIS A 350 6.72 -14.60 -26.93
C HIS A 350 7.68 -14.73 -25.75
N GLY A 351 7.55 -13.83 -24.78
CA GLY A 351 8.42 -13.82 -23.62
C GLY A 351 9.77 -13.23 -23.95
N GLN A 352 9.83 -12.45 -25.02
CA GLN A 352 11.07 -11.80 -25.44
C GLN A 352 11.10 -10.34 -25.02
N GLU A 353 12.28 -9.89 -24.61
CA GLU A 353 12.52 -8.53 -24.19
C GLU A 353 12.18 -7.55 -25.32
N ILE A 354 11.39 -6.52 -24.99
CA ILE A 354 11.11 -5.46 -25.94
C ILE A 354 12.17 -4.39 -25.76
N ALA A 355 13.01 -4.24 -26.78
CA ALA A 355 14.12 -3.29 -26.72
C ALA A 355 13.86 -1.96 -27.44
N GLU A 356 12.67 -1.79 -28.00
CA GLU A 356 12.38 -0.58 -28.74
C GLU A 356 11.18 0.17 -28.18
N PRO A 357 11.07 1.47 -28.49
CA PRO A 357 9.98 2.35 -28.04
C PRO A 357 8.64 2.01 -28.70
N ASP A 358 7.55 2.52 -28.12
CA ASP A 358 6.22 2.44 -28.72
C ASP A 358 5.88 1.03 -29.20
N ARG A 359 6.27 0.04 -28.42
CA ARG A 359 5.84 -1.34 -28.65
C ARG A 359 5.40 -1.90 -27.30
N ALA A 360 4.11 -2.22 -27.17
CA ALA A 360 3.53 -2.61 -25.89
C ALA A 360 3.95 -4.00 -25.41
N GLY A 361 4.17 -4.11 -24.11
CA GLY A 361 4.54 -5.38 -23.50
C GLY A 361 4.10 -5.42 -22.04
N GLU A 362 4.44 -6.51 -21.37
CA GLU A 362 4.15 -6.64 -19.95
C GLU A 362 5.38 -6.28 -19.12
N ILE A 363 5.15 -5.51 -18.06
CA ILE A 363 6.20 -5.14 -17.12
C ILE A 363 6.58 -6.33 -16.25
N VAL A 364 7.88 -6.60 -16.17
CA VAL A 364 8.42 -7.66 -15.32
C VAL A 364 9.47 -7.05 -14.40
N ALA A 365 9.37 -7.36 -13.12
CA ALA A 365 10.22 -6.73 -12.12
C ALA A 365 11.19 -7.73 -11.52
N PHE A 366 12.40 -7.26 -11.25
CA PHE A 366 13.45 -8.06 -10.64
C PHE A 366 13.99 -7.29 -9.46
N GLY A 367 14.71 -7.99 -8.59
CA GLY A 367 15.48 -7.30 -7.57
C GLY A 367 15.02 -7.39 -6.15
N ALA A 368 15.58 -6.48 -5.35
CA ALA A 368 15.55 -6.59 -3.91
C ALA A 368 14.17 -6.24 -3.32
N GLY A 369 13.28 -5.72 -4.18
CA GLY A 369 11.90 -5.43 -3.78
C GLY A 369 10.95 -6.61 -3.85
N LEU A 370 11.34 -7.71 -4.50
CA LEU A 370 10.44 -8.85 -4.68
C LEU A 370 10.02 -9.47 -3.34
N ALA A 371 8.73 -9.69 -3.19
CA ALA A 371 8.25 -10.30 -1.96
C ALA A 371 8.75 -11.73 -1.91
N GLN A 372 8.80 -12.30 -0.71
CA GLN A 372 9.13 -13.71 -0.57
C GLN A 372 8.11 -14.53 -1.35
N GLY A 373 6.85 -14.08 -1.35
CA GLY A 373 5.81 -14.75 -2.11
C GLY A 373 4.45 -14.61 -1.45
N TYR A 374 3.50 -15.45 -1.85
CA TYR A 374 2.19 -15.41 -1.20
C TYR A 374 2.26 -16.38 -0.06
N ARG A 375 2.24 -15.84 1.15
CA ARG A 375 2.56 -16.61 2.34
C ARG A 375 1.60 -17.79 2.45
N ASN A 376 0.37 -17.57 2.01
CA ASN A 376 -0.69 -18.57 2.07
C ASN A 376 -1.01 -19.32 0.76
N ASP A 377 -0.30 -19.05 -0.33
CA ASP A 377 -0.54 -19.82 -1.56
C ASP A 377 0.77 -20.20 -2.26
N ALA A 378 1.17 -21.46 -2.12
CA ALA A 378 2.47 -21.89 -2.63
C ALA A 378 2.42 -22.01 -4.15
N ALA A 379 1.34 -22.61 -4.65
CA ALA A 379 1.16 -22.78 -6.09
C ALA A 379 1.21 -21.44 -6.80
N ARG A 380 0.49 -20.48 -6.23
CA ARG A 380 0.48 -19.14 -6.80
C ARG A 380 1.84 -18.48 -6.72
N THR A 381 2.61 -18.78 -5.68
CA THR A 381 3.95 -18.20 -5.58
C THR A 381 4.79 -18.75 -6.72
N ARG A 382 4.80 -20.07 -6.86
CA ARG A 382 5.53 -20.77 -7.92
C ARG A 382 5.14 -20.30 -9.32
N ALA A 383 3.87 -19.97 -9.51
CA ALA A 383 3.39 -19.49 -10.80
C ALA A 383 3.71 -18.01 -11.06
N SER A 384 3.62 -17.18 -10.03
CA SER A 384 3.80 -15.72 -10.16
C SER A 384 5.25 -15.21 -10.13
N PHE A 385 6.09 -15.91 -9.37
CA PHE A 385 7.50 -15.54 -9.22
C PHE A 385 8.35 -16.59 -9.91
N VAL A 386 8.95 -16.21 -11.03
CA VAL A 386 9.61 -17.16 -11.91
C VAL A 386 10.99 -16.64 -12.31
N GLU A 387 11.88 -17.55 -12.67
CA GLU A 387 13.19 -17.13 -13.14
C GLU A 387 13.17 -16.76 -14.62
N LEU A 388 13.69 -15.58 -14.93
CA LEU A 388 13.74 -15.08 -16.30
C LEU A 388 15.10 -14.45 -16.55
N PRO A 389 15.54 -14.40 -17.81
CA PRO A 389 16.83 -13.80 -18.13
C PRO A 389 16.86 -12.29 -17.91
N TYR A 390 17.87 -11.82 -17.18
CA TYR A 390 18.14 -10.40 -17.06
C TYR A 390 19.63 -10.19 -17.29
N ARG A 391 19.96 -9.31 -18.23
CA ARG A 391 21.32 -9.21 -18.71
C ARG A 391 21.71 -10.61 -19.14
N GLY A 392 22.74 -11.17 -18.50
CA GLY A 392 23.18 -12.50 -18.87
C GLY A 392 22.65 -13.61 -17.98
N ARG A 393 22.07 -13.25 -16.84
CA ARG A 393 21.79 -14.23 -15.80
C ARG A 393 20.31 -14.44 -15.52
N LEU A 394 19.95 -15.70 -15.27
CA LEU A 394 18.60 -16.01 -14.79
C LEU A 394 18.40 -15.41 -13.39
N LEU A 395 17.34 -14.63 -13.25
CA LEU A 395 17.05 -13.98 -11.99
C LEU A 395 15.60 -14.20 -11.64
N ARG A 396 15.31 -14.25 -10.35
CA ARG A 396 13.92 -14.26 -9.90
C ARG A 396 13.21 -12.99 -10.36
N ALA A 397 11.96 -13.15 -10.77
CA ALA A 397 11.18 -12.08 -11.38
C ALA A 397 9.68 -12.21 -11.10
N TYR A 398 9.02 -11.06 -11.01
CA TYR A 398 7.58 -10.99 -10.86
C TYR A 398 6.95 -10.35 -12.09
N ARG A 399 6.09 -11.12 -12.77
CA ARG A 399 5.27 -10.60 -13.87
C ARG A 399 4.06 -9.87 -13.30
N THR A 400 3.96 -8.58 -13.60
CA THR A 400 3.00 -7.71 -12.92
C THR A 400 1.56 -7.82 -13.43
N GLY A 401 1.41 -8.24 -14.69
CA GLY A 401 0.13 -8.13 -15.38
C GLY A 401 -0.15 -6.70 -15.85
N ASP A 402 0.81 -5.80 -15.67
CA ASP A 402 0.68 -4.44 -16.17
C ASP A 402 1.28 -4.31 -17.57
N ARG A 403 0.57 -3.61 -18.46
CA ARG A 403 1.03 -3.39 -19.82
C ARG A 403 1.46 -1.95 -19.98
N ALA A 404 2.62 -1.77 -20.59
CA ALA A 404 3.18 -0.45 -20.86
C ALA A 404 4.00 -0.46 -22.15
N ARG A 405 4.62 0.69 -22.45
CA ARG A 405 5.47 0.87 -23.61
C ARG A 405 6.55 1.87 -23.21
N TYR A 406 7.72 1.79 -23.87
CA TYR A 406 8.76 2.79 -23.70
C TYR A 406 8.46 3.98 -24.61
N ASP A 407 8.83 5.18 -24.15
CA ASP A 407 8.89 6.34 -25.06
C ASP A 407 10.30 6.47 -25.62
N GLU A 408 10.52 7.52 -26.41
CA GLU A 408 11.82 7.73 -27.06
C GLU A 408 12.96 7.97 -26.05
N GLN A 409 12.61 8.25 -24.80
CA GLN A 409 13.62 8.47 -23.76
C GLN A 409 13.92 7.23 -22.91
N GLY A 410 13.34 6.09 -23.28
CA GLY A 410 13.53 4.89 -22.47
C GLY A 410 12.79 4.97 -21.14
N ARG A 411 11.77 5.82 -21.08
CA ARG A 411 10.90 5.87 -19.90
C ARG A 411 9.68 5.00 -20.15
N LEU A 412 9.15 4.36 -19.10
CA LEU A 412 7.95 3.56 -19.27
C LEU A 412 6.68 4.41 -19.23
N ARG A 413 5.74 4.04 -20.11
CA ARG A 413 4.46 4.71 -20.23
C ARG A 413 3.37 3.66 -19.97
N PHE A 414 2.64 3.83 -18.87
CA PHE A 414 1.66 2.83 -18.44
C PHE A 414 0.45 2.76 -19.39
N ILE A 415 0.09 1.54 -19.78
CA ILE A 415 -1.05 1.36 -20.67
C ILE A 415 -2.30 0.86 -19.94
N GLY A 416 -2.20 -0.32 -19.32
CA GLY A 416 -3.36 -0.86 -18.65
C GLY A 416 -3.27 -2.35 -18.36
N ARG A 417 -4.37 -2.97 -17.99
CA ARG A 417 -4.40 -4.41 -17.77
C ARG A 417 -5.35 -5.13 -18.72
N GLY A 418 -5.08 -6.41 -18.96
CA GLY A 418 -5.95 -7.23 -19.77
C GLY A 418 -6.91 -8.05 -18.93
N ASP A 419 -6.65 -8.14 -17.63
CA ASP A 419 -7.55 -8.89 -16.75
C ASP A 419 -8.68 -7.95 -16.27
N GLY A 420 -9.48 -8.40 -15.31
CA GLY A 420 -10.57 -7.57 -14.83
C GLY A 420 -10.24 -6.83 -13.54
N GLN A 421 -8.96 -6.75 -13.21
CA GLN A 421 -8.55 -6.17 -11.94
C GLN A 421 -8.73 -4.65 -11.92
N VAL A 422 -9.42 -4.15 -10.90
CA VAL A 422 -9.62 -2.71 -10.75
C VAL A 422 -9.05 -2.21 -9.43
N LYS A 423 -8.80 -0.91 -9.33
CA LYS A 423 -8.37 -0.33 -8.06
C LYS A 423 -9.55 0.33 -7.34
N LEU A 424 -9.91 -0.17 -6.16
CA LEU A 424 -11.02 0.41 -5.42
C LEU A 424 -10.55 0.96 -4.07
N ASN A 425 -10.52 2.29 -3.96
CA ASN A 425 -10.09 2.95 -2.73
C ASN A 425 -8.82 2.34 -2.13
N GLY A 426 -7.80 2.23 -2.97
CA GLY A 426 -6.49 1.76 -2.52
C GLY A 426 -6.26 0.27 -2.65
N TYR A 427 -7.33 -0.50 -2.83
CA TYR A 427 -7.24 -1.95 -2.95
C TYR A 427 -7.38 -2.45 -4.39
N ARG A 428 -6.54 -3.41 -4.78
CA ARG A 428 -6.83 -4.18 -5.99
C ARG A 428 -8.03 -5.12 -5.74
N LEU A 429 -8.87 -5.26 -6.75
CA LEU A 429 -10.01 -6.14 -6.62
C LEU A 429 -10.23 -6.89 -7.91
N ASP A 430 -10.46 -8.19 -7.78
CA ASP A 430 -10.80 -9.00 -8.93
C ASP A 430 -12.30 -8.83 -8.99
N LEU A 431 -12.72 -7.95 -9.89
CA LEU A 431 -14.10 -7.51 -9.95
C LEU A 431 -14.98 -8.63 -10.49
N PRO A 432 -14.53 -9.29 -11.58
CA PRO A 432 -15.35 -10.36 -12.15
C PRO A 432 -15.53 -11.53 -11.18
N ALA A 433 -14.56 -11.77 -10.30
CA ALA A 433 -14.70 -12.83 -9.30
C ALA A 433 -15.79 -12.50 -8.28
N LEU A 434 -15.77 -11.27 -7.76
CA LEU A 434 -16.76 -10.80 -6.80
C LEU A 434 -18.17 -10.79 -7.43
N GLU A 435 -18.20 -10.38 -8.69
CA GLU A 435 -19.42 -10.36 -9.47
C GLU A 435 -19.99 -11.79 -9.59
N GLN A 436 -19.13 -12.71 -9.99
CA GLN A 436 -19.51 -14.12 -10.14
C GLN A 436 -20.01 -14.64 -8.80
N ARG A 437 -19.40 -14.14 -7.72
CA ARG A 437 -19.82 -14.50 -6.37
C ARG A 437 -21.24 -14.01 -6.03
N PHE A 438 -21.58 -12.79 -6.44
CA PHE A 438 -22.96 -12.31 -6.32
C PHE A 438 -23.92 -13.19 -7.13
N ARG A 439 -23.52 -13.55 -8.35
CA ARG A 439 -24.37 -14.42 -9.20
C ARG A 439 -24.79 -15.70 -8.48
N ARG A 440 -23.92 -16.20 -7.61
CA ARG A 440 -24.14 -17.48 -6.95
C ARG A 440 -25.09 -17.43 -5.73
N GLN A 441 -25.50 -16.24 -5.32
CA GLN A 441 -26.56 -16.14 -4.31
C GLN A 441 -27.83 -16.70 -4.94
N PRO A 442 -28.63 -17.42 -4.15
CA PRO A 442 -29.82 -18.09 -4.69
C PRO A 442 -30.88 -17.05 -5.04
N GLY A 443 -31.55 -17.25 -6.17
CA GLY A 443 -32.57 -16.30 -6.62
C GLY A 443 -32.01 -15.21 -7.54
N ILE A 444 -30.69 -15.07 -7.58
CA ILE A 444 -30.08 -14.13 -8.52
C ILE A 444 -29.66 -14.83 -9.80
N LEU A 445 -30.13 -14.31 -10.94
CA LEU A 445 -29.78 -14.84 -12.25
C LEU A 445 -28.46 -14.25 -12.75
N ASP A 446 -28.48 -12.96 -13.05
CA ASP A 446 -27.28 -12.24 -13.49
C ASP A 446 -27.00 -11.05 -12.58
N CYS A 447 -25.76 -10.59 -12.59
CA CYS A 447 -25.34 -9.44 -11.78
C CYS A 447 -24.21 -8.66 -12.45
N ALA A 448 -24.25 -7.33 -12.34
CA ALA A 448 -23.17 -6.48 -12.82
C ALA A 448 -22.66 -5.50 -11.73
N LEU A 449 -21.35 -5.50 -11.56
CA LEU A 449 -20.70 -4.58 -10.64
C LEU A 449 -20.12 -3.40 -11.43
N LEU A 450 -20.46 -2.19 -11.00
CA LEU A 450 -20.05 -0.96 -11.65
C LEU A 450 -19.26 -0.12 -10.65
N VAL A 451 -18.49 0.84 -11.17
CA VAL A 451 -17.76 1.78 -10.32
C VAL A 451 -18.06 3.22 -10.73
N ARG A 452 -18.21 4.09 -9.75
CA ARG A 452 -18.41 5.52 -10.02
C ARG A 452 -17.62 6.34 -9.01
N GLU A 453 -17.48 7.63 -9.23
CA GLU A 453 -16.74 8.41 -8.25
C GLU A 453 -17.55 9.56 -7.65
N ARG A 454 -17.70 9.52 -6.33
CA ARG A 454 -18.33 10.61 -5.59
C ARG A 454 -17.25 11.21 -4.70
N ASN A 455 -17.04 12.51 -4.85
CA ASN A 455 -15.92 13.18 -4.18
C ASN A 455 -14.62 12.48 -4.56
N GLY A 456 -13.82 12.11 -3.58
CA GLY A 456 -12.57 11.42 -3.85
C GLY A 456 -12.67 9.91 -3.75
N VAL A 457 -13.89 9.39 -3.72
CA VAL A 457 -14.06 7.97 -3.44
C VAL A 457 -14.78 7.19 -4.54
N LYS A 458 -14.18 6.07 -4.92
CA LYS A 458 -14.81 5.16 -5.85
C LYS A 458 -15.85 4.37 -5.06
N GLN A 459 -17.04 4.30 -5.64
CA GLN A 459 -18.13 3.55 -5.08
C GLN A 459 -18.40 2.39 -6.00
N LEU A 460 -18.66 1.25 -5.37
CA LEU A 460 -19.08 0.06 -6.05
C LEU A 460 -20.60 0.09 -6.09
N LEU A 461 -21.17 -0.27 -7.22
CA LEU A 461 -22.62 -0.34 -7.38
C LEU A 461 -22.95 -1.74 -7.88
N CYS A 462 -24.00 -2.34 -7.33
CA CYS A 462 -24.38 -3.69 -7.75
C CYS A 462 -25.79 -3.75 -8.33
N ALA A 463 -25.89 -4.08 -9.62
CA ALA A 463 -27.19 -4.30 -10.27
C ALA A 463 -27.43 -5.79 -10.44
N TRP A 464 -28.65 -6.25 -10.20
CA TRP A 464 -28.92 -7.68 -10.32
C TRP A 464 -30.31 -7.99 -10.84
N THR A 465 -30.45 -9.19 -11.41
CA THR A 465 -31.74 -9.68 -11.89
C THR A 465 -32.06 -10.98 -11.18
N GLY A 466 -33.34 -11.20 -10.90
CA GLY A 466 -33.77 -12.41 -10.21
C GLY A 466 -35.05 -12.15 -9.42
N LYS A 467 -35.38 -13.05 -8.51
CA LYS A 467 -36.60 -12.92 -7.72
C LYS A 467 -36.60 -11.62 -6.90
N ALA A 468 -37.79 -11.07 -6.66
CA ALA A 468 -37.91 -9.78 -5.97
C ALA A 468 -37.34 -9.78 -4.54
N ASP A 469 -37.50 -10.89 -3.84
CA ASP A 469 -37.10 -11.03 -2.44
C ASP A 469 -35.65 -11.51 -2.28
N ALA A 470 -34.92 -11.53 -3.39
CA ALA A 470 -33.60 -12.17 -3.48
C ALA A 470 -32.36 -11.32 -3.10
N SER A 471 -32.59 -10.12 -2.55
CA SER A 471 -31.47 -9.24 -2.18
C SER A 471 -30.37 -9.95 -1.39
N PRO A 472 -29.10 -9.78 -1.81
CA PRO A 472 -27.93 -10.48 -1.29
C PRO A 472 -27.34 -9.89 0.01
N GLN A 473 -28.18 -9.74 1.04
CA GLN A 473 -27.76 -9.13 2.31
C GLN A 473 -26.79 -10.01 3.09
N ALA A 474 -26.98 -11.32 3.00
CA ALA A 474 -26.18 -12.27 3.76
C ALA A 474 -24.74 -12.29 3.25
N LEU A 475 -24.58 -12.02 1.96
CA LEU A 475 -23.24 -11.88 1.39
C LEU A 475 -22.57 -10.59 1.88
N LEU A 476 -23.30 -9.47 1.81
CA LEU A 476 -22.77 -8.19 2.28
C LEU A 476 -22.28 -8.29 3.73
N ARG A 477 -23.06 -8.94 4.59
CA ARG A 477 -22.66 -9.18 5.97
C ARG A 477 -21.31 -9.90 6.10
N GLN A 478 -20.97 -10.74 5.13
CA GLN A 478 -19.72 -11.51 5.19
C GLN A 478 -18.52 -10.83 4.54
N LEU A 479 -18.78 -9.78 3.77
CA LEU A 479 -17.71 -9.09 3.04
C LEU A 479 -17.04 -8.03 3.91
N PRO A 480 -15.75 -7.76 3.65
CA PRO A 480 -15.16 -6.62 4.34
C PRO A 480 -15.84 -5.33 3.87
N THR A 481 -15.87 -4.31 4.72
CA THR A 481 -16.58 -3.07 4.41
C THR A 481 -16.22 -2.56 3.01
N TRP A 482 -14.92 -2.58 2.70
CA TRP A 482 -14.43 -1.96 1.46
C TRP A 482 -14.90 -2.68 0.18
N GLN A 483 -15.39 -3.91 0.31
CA GLN A 483 -15.94 -4.65 -0.83
C GLN A 483 -17.46 -4.62 -0.95
N ARG A 484 -18.14 -4.01 0.02
CA ARG A 484 -19.61 -3.98 -0.02
C ARG A 484 -20.08 -2.88 -0.94
N PRO A 485 -20.93 -3.24 -1.93
CA PRO A 485 -21.45 -2.19 -2.82
C PRO A 485 -22.13 -1.09 -2.04
N HIS A 486 -21.96 0.15 -2.48
CA HIS A 486 -22.65 1.28 -1.88
C HIS A 486 -24.15 1.11 -2.05
N ALA A 487 -24.56 0.54 -3.18
CA ALA A 487 -25.97 0.27 -3.44
C ALA A 487 -26.18 -1.06 -4.13
N CYS A 488 -27.11 -1.87 -3.63
CA CYS A 488 -27.55 -3.08 -4.32
C CYS A 488 -28.94 -2.83 -4.88
N VAL A 489 -29.06 -2.89 -6.20
CA VAL A 489 -30.33 -2.57 -6.86
C VAL A 489 -30.79 -3.70 -7.80
N ARG A 490 -32.03 -4.14 -7.61
CA ARG A 490 -32.63 -5.14 -8.48
C ARG A 490 -33.21 -4.44 -9.71
N VAL A 491 -32.79 -4.87 -10.90
CA VAL A 491 -33.36 -4.35 -12.13
C VAL A 491 -34.12 -5.44 -12.85
N GLU A 492 -34.84 -5.06 -13.92
CA GLU A 492 -35.67 -5.99 -14.67
C GLU A 492 -34.84 -6.78 -15.67
N ALA A 493 -33.92 -6.09 -16.32
CA ALA A 493 -33.00 -6.72 -17.26
C ALA A 493 -31.76 -5.86 -17.35
N LEU A 494 -30.66 -6.46 -17.76
CA LEU A 494 -29.43 -5.70 -17.95
C LEU A 494 -29.30 -5.24 -19.41
N PRO A 495 -28.97 -3.96 -19.61
CA PRO A 495 -28.89 -3.37 -20.96
C PRO A 495 -27.72 -3.89 -21.80
N LEU A 496 -28.00 -4.25 -23.05
CA LEU A 496 -26.97 -4.73 -23.97
C LEU A 496 -26.87 -3.79 -25.17
N THR A 497 -25.71 -3.75 -25.81
CA THR A 497 -25.47 -2.84 -26.92
C THR A 497 -25.76 -3.46 -28.29
N LEU A 502 -22.64 -5.82 -22.60
CA LEU A 502 -23.23 -5.03 -21.53
C LEU A 502 -23.08 -3.53 -21.80
N ASP A 503 -23.97 -2.75 -21.20
CA ASP A 503 -23.90 -1.29 -21.29
C ASP A 503 -23.61 -0.70 -19.92
N ARG A 504 -22.42 -0.15 -19.75
CA ARG A 504 -22.06 0.48 -18.48
C ARG A 504 -22.80 1.81 -18.29
N ALA A 505 -22.85 2.62 -19.35
CA ALA A 505 -23.50 3.93 -19.29
C ALA A 505 -25.00 3.84 -19.02
N ALA A 506 -25.67 2.99 -19.81
CA ALA A 506 -27.10 2.77 -19.66
C ALA A 506 -27.42 2.31 -18.23
N LEU A 507 -26.65 1.35 -17.75
CA LEU A 507 -26.85 0.79 -16.43
C LEU A 507 -26.68 1.86 -15.35
N LEU A 508 -25.54 2.55 -15.39
CA LEU A 508 -25.25 3.63 -14.45
C LEU A 508 -26.43 4.60 -14.40
N ARG A 509 -26.82 5.10 -15.56
CA ARG A 509 -27.87 6.10 -15.64
C ARG A 509 -29.20 5.56 -15.10
N ARG A 510 -29.50 4.32 -15.45
CA ARG A 510 -30.75 3.69 -15.00
C ARG A 510 -30.70 3.43 -13.49
N LEU A 511 -29.53 3.59 -12.88
CA LEU A 511 -29.45 3.47 -11.43
C LEU A 511 -30.01 4.70 -10.68
N GLU A 512 -30.05 5.85 -11.35
CA GLU A 512 -31.01 6.90 -10.96
C GLU A 512 -31.61 7.56 -12.22
N GLU A 513 -32.91 7.43 -12.48
CA GLU A 513 -33.87 6.55 -11.79
C GLU A 513 -34.13 6.78 -10.30
N PRO A 514 -34.72 7.92 -9.99
CA PRO A 514 -35.35 8.17 -8.69
C PRO A 514 -34.41 8.23 -7.48
N LEU A 515 -33.15 7.83 -7.66
CA LEU A 515 -32.20 7.78 -6.56
C LEU A 515 -31.47 9.11 -6.40
#